data_9C6X
#
_entry.id   9C6X
#
_cell.length_a   75.939
_cell.length_b   84.123
_cell.length_c   150.421
_cell.angle_alpha   90.00
_cell.angle_beta   90.00
_cell.angle_gamma   90.00
#
_symmetry.space_group_name_H-M   'C 2 2 21'
#
loop_
_entity.id
_entity.type
_entity.pdbx_description
1 polymer 'NACHT, LRR and PYD domains-containing protein 2,Beta-2-microglobulin,MHC class I antigen'
2 non-polymer 1-ETHOXY-2-(2-ETHOXYETHOXY)ETHANE
3 non-polymer 1,2-ETHANEDIOL
4 water water
#
_entity_poly.entity_id   1
_entity_poly.type   'polypeptide(L)'
_entity_poly.pdbx_seq_one_letter_code
;NRVMLPKAAGCGASGGGGSGGGGSMIQRTPKIQVYSRHPAENGKSNFLNCYVSGFHPSDIEVDLLKNGERIEKVEHSDLS
FSKDWSFYLLYYTEFTPTEKDEYACRVNHVTLSQPKIVKWDRDMGGGGSGGGGSGGGGSGGGGSGSHSMRYFYTSVSRPG
RGEPRFISVGYVDDTQFVRFDSDAASPREEPRAPWIEQEGPEYWDRNTQICKTNTQTDRESLRNLRGCYNQSEAGSHTLQ
RMYGCDVGPDGRLLRGHNQFAYDGKDYIALNEDLSSWTAADTAAQITQRKWEAARVAEQLRTYLEGTCVEWLRRYLENGK
ETLQRADPPKTHVTHHPISDHEATLRCWALGFYPAEITLTWQRDGEDQTQDTELVETRPAGDRTFQKWAAVVVPSGEEQR
YTCHVQHEGLPKPLTLRW
;
_entity_poly.pdbx_strand_id   A
#
# COMPACT_ATOMS: atom_id res chain seq x y z
N ASN A 1 4.33 -9.90 -15.06
CA ASN A 1 5.62 -10.59 -15.20
C ASN A 1 6.75 -9.65 -14.81
N ARG A 2 7.74 -10.15 -14.06
CA ARG A 2 8.71 -9.29 -13.42
C ARG A 2 9.85 -8.94 -14.37
N VAL A 3 10.76 -8.08 -13.89
CA VAL A 3 11.99 -7.73 -14.60
C VAL A 3 13.16 -7.88 -13.64
N MET A 4 14.32 -8.25 -14.20
CA MET A 4 15.55 -8.27 -13.43
C MET A 4 16.03 -6.84 -13.19
N LEU A 5 16.36 -6.53 -11.93
CA LEU A 5 16.72 -5.17 -11.55
C LEU A 5 18.22 -5.04 -11.34
N PRO A 6 18.78 -3.87 -11.60
CA PRO A 6 20.22 -3.69 -11.47
C PRO A 6 20.63 -3.44 -10.03
N LYS A 7 21.91 -3.68 -9.80
CA LYS A 7 22.48 -3.64 -8.46
C LYS A 7 22.96 -2.22 -8.15
N ALA A 8 22.68 -1.75 -6.94
CA ALA A 8 23.25 -0.47 -6.53
C ALA A 8 24.77 -0.56 -6.43
N ALA A 9 25.44 0.54 -6.74
CA ALA A 9 26.90 0.54 -6.80
C ALA A 9 27.50 0.80 -5.43
N GLY A 10 28.60 0.12 -5.14
CA GLY A 10 29.40 0.49 -3.99
C GLY A 10 30.15 1.78 -4.24
N CYS A 11 30.54 2.43 -3.15
CA CYS A 11 31.16 3.75 -3.20
C CYS A 11 32.66 3.72 -2.90
N GLY A 12 33.23 2.54 -2.63
CA GLY A 12 34.67 2.45 -2.39
C GLY A 12 35.07 3.24 -1.15
N ALA A 13 36.24 3.88 -1.26
CA ALA A 13 36.76 4.77 -0.21
C ALA A 13 36.86 4.08 1.14
N GLY A 23 22.66 9.15 5.36
CA GLY A 23 23.11 9.21 6.73
C GLY A 23 21.99 9.59 7.69
N SER A 24 20.75 9.39 7.25
CA SER A 24 19.57 9.70 8.05
C SER A 24 18.59 8.53 7.97
N MET A 25 17.88 8.28 9.06
CA MET A 25 16.84 7.27 9.14
C MET A 25 15.54 7.98 9.51
N ILE A 26 14.55 7.91 8.64
CA ILE A 26 13.24 8.46 8.96
C ILE A 26 12.44 7.41 9.71
N GLN A 27 11.81 7.82 10.81
CA GLN A 27 10.92 6.95 11.57
C GLN A 27 9.51 7.53 11.54
N ARG A 28 8.56 6.73 11.08
CA ARG A 28 7.17 7.15 10.99
C ARG A 28 6.36 6.24 11.89
N THR A 29 5.55 6.84 12.74
CA THR A 29 4.76 6.03 13.66
C THR A 29 3.46 5.58 12.98
N PRO A 30 2.99 4.36 13.25
CA PRO A 30 1.83 3.87 12.50
C PRO A 30 0.55 4.64 12.81
N LYS A 31 -0.25 4.84 11.76
CA LYS A 31 -1.66 5.17 11.92
C LYS A 31 -2.44 3.88 12.13
N ILE A 32 -3.46 3.94 12.98
CA ILE A 32 -4.21 2.75 13.35
C ILE A 32 -5.70 3.04 13.20
N GLN A 33 -6.40 2.19 12.44
CA GLN A 33 -7.85 2.25 12.32
C GLN A 33 -8.43 0.89 12.63
N VAL A 34 -9.46 0.86 13.48
CA VAL A 34 -10.12 -0.38 13.88
C VAL A 34 -11.59 -0.28 13.48
N TYR A 35 -12.07 -1.28 12.76
CA TYR A 35 -13.36 -1.13 12.09
C TYR A 35 -13.81 -2.50 11.60
N SER A 36 -15.11 -2.63 11.36
CA SER A 36 -15.66 -3.87 10.81
C SER A 36 -15.81 -3.75 9.30
N ARG A 37 -15.76 -4.91 8.63
CA ARG A 37 -15.90 -4.90 7.18
C ARG A 37 -17.24 -4.31 6.77
N HIS A 38 -18.31 -4.73 7.42
CA HIS A 38 -19.68 -4.33 7.17
C HIS A 38 -20.22 -3.60 8.39
N PRO A 39 -21.26 -2.77 8.22
CA PRO A 39 -21.94 -2.19 9.39
C PRO A 39 -22.31 -3.28 10.37
N ALA A 40 -21.93 -3.08 11.63
CA ALA A 40 -22.01 -4.12 12.65
C ALA A 40 -23.46 -4.30 13.12
N GLU A 41 -23.91 -5.55 13.15
CA GLU A 41 -25.23 -5.91 13.65
C GLU A 41 -25.09 -7.19 14.47
N ASN A 42 -25.55 -7.15 15.71
CA ASN A 42 -25.35 -8.27 16.63
C ASN A 42 -25.90 -9.57 16.05
N GLY A 43 -25.21 -10.66 16.36
CA GLY A 43 -25.62 -11.97 15.90
C GLY A 43 -25.09 -12.33 14.52
N LYS A 44 -25.01 -11.35 13.63
CA LYS A 44 -24.53 -11.61 12.28
C LYS A 44 -23.01 -11.61 12.28
N SER A 45 -22.42 -12.66 11.71
CA SER A 45 -20.98 -12.75 11.64
C SER A 45 -20.44 -11.65 10.72
N ASN A 46 -19.25 -11.17 11.04
CA ASN A 46 -18.65 -10.01 10.39
C ASN A 46 -17.15 -10.25 10.33
N PHE A 47 -16.39 -9.20 10.03
CA PHE A 47 -14.93 -9.22 10.09
C PHE A 47 -14.45 -7.99 10.83
N LEU A 48 -13.56 -8.19 11.80
CA LEU A 48 -12.94 -7.11 12.54
C LEU A 48 -11.58 -6.82 11.92
N ASN A 49 -11.37 -5.57 11.50
CA ASN A 49 -10.15 -5.17 10.83
C ASN A 49 -9.34 -4.23 11.70
N CYS A 50 -8.02 -4.40 11.69
CA CYS A 50 -7.12 -3.38 12.20
C CYS A 50 -6.18 -3.05 11.07
N TYR A 51 -6.26 -1.80 10.58
CA TYR A 51 -5.42 -1.35 9.48
C TYR A 51 -4.32 -0.45 10.03
N VAL A 52 -3.06 -0.85 9.84
CA VAL A 52 -1.91 -0.09 10.31
C VAL A 52 -1.16 0.42 9.09
N SER A 53 -0.96 1.72 9.01
CA SER A 53 -0.42 2.30 7.80
C SER A 53 0.51 3.45 8.13
N GLY A 54 1.26 3.88 7.11
CA GLY A 54 2.14 5.02 7.25
C GLY A 54 3.31 4.83 8.18
N PHE A 55 3.75 3.60 8.43
CA PHE A 55 4.84 3.39 9.38
C PHE A 55 6.14 3.03 8.67
N HIS A 56 7.24 3.27 9.39
CA HIS A 56 8.59 2.97 8.94
C HIS A 56 9.50 3.02 10.15
N PRO A 57 10.36 2.03 10.38
CA PRO A 57 10.64 0.84 9.55
C PRO A 57 9.53 -0.21 9.59
N SER A 58 9.77 -1.37 8.97
CA SER A 58 8.68 -2.30 8.65
C SER A 58 8.33 -3.25 9.78
N ASP A 59 9.24 -3.55 10.70
CA ASP A 59 8.89 -4.46 11.79
C ASP A 59 7.78 -3.85 12.65
N ILE A 60 6.76 -4.64 12.93
CA ILE A 60 5.63 -4.15 13.68
C ILE A 60 4.94 -5.35 14.33
N GLU A 61 4.34 -5.12 15.50
CA GLU A 61 3.57 -6.14 16.21
C GLU A 61 2.14 -5.66 16.36
N VAL A 62 1.19 -6.47 15.92
CA VAL A 62 -0.22 -6.09 15.93
C VAL A 62 -1.02 -7.24 16.52
N ASP A 63 -1.81 -6.95 17.56
CA ASP A 63 -2.78 -7.88 18.13
C ASP A 63 -4.16 -7.25 18.13
N LEU A 64 -5.15 -8.06 17.78
CA LEU A 64 -6.55 -7.74 18.05
C LEU A 64 -6.91 -8.26 19.44
N LEU A 65 -7.56 -7.41 20.24
CA LEU A 65 -7.92 -7.74 21.62
C LEU A 65 -9.43 -7.80 21.77
N LYS A 66 -9.89 -8.65 22.68
CA LYS A 66 -11.29 -8.74 23.06
C LYS A 66 -11.36 -8.64 24.57
N ASN A 67 -11.97 -7.56 25.06
CA ASN A 67 -12.04 -7.27 26.50
C ASN A 67 -10.66 -7.30 27.14
N GLY A 68 -9.65 -6.94 26.36
CA GLY A 68 -8.28 -6.87 26.84
C GLY A 68 -7.43 -8.09 26.54
N GLU A 69 -8.03 -9.20 26.11
CA GLU A 69 -7.30 -10.44 25.87
C GLU A 69 -6.90 -10.55 24.40
N ARG A 70 -5.71 -11.09 24.17
CA ARG A 70 -5.22 -11.26 22.81
CA ARG A 70 -5.19 -11.28 22.82
C ARG A 70 -6.04 -12.32 22.08
N ILE A 71 -6.43 -12.00 20.85
CA ILE A 71 -7.17 -12.93 20.00
C ILE A 71 -6.16 -13.72 19.19
N GLU A 72 -6.32 -15.04 19.17
CA GLU A 72 -5.49 -15.87 18.29
C GLU A 72 -6.20 -16.04 16.95
N LYS A 73 -5.48 -16.63 15.98
CA LYS A 73 -5.93 -17.00 14.65
C LYS A 73 -5.91 -15.82 13.67
N VAL A 74 -5.66 -14.58 14.12
CA VAL A 74 -5.72 -13.42 13.25
C VAL A 74 -4.81 -13.58 12.05
N GLU A 75 -5.30 -13.19 10.87
CA GLU A 75 -4.52 -13.18 9.64
C GLU A 75 -4.11 -11.76 9.30
N HIS A 76 -3.15 -11.64 8.38
CA HIS A 76 -2.78 -10.32 7.89
C HIS A 76 -2.37 -10.38 6.43
N SER A 77 -2.45 -9.22 5.80
CA SER A 77 -2.07 -9.06 4.40
C SER A 77 -0.55 -9.13 4.22
N ASP A 78 -0.13 -9.26 2.97
CA ASP A 78 1.30 -9.27 2.67
C ASP A 78 1.83 -7.85 2.71
N LEU A 79 3.01 -7.68 3.31
CA LEU A 79 3.60 -6.35 3.47
C LEU A 79 3.76 -5.63 2.14
N SER A 80 3.22 -4.41 2.06
CA SER A 80 3.43 -3.54 0.91
C SER A 80 3.58 -2.11 1.40
N PHE A 81 3.69 -1.17 0.47
CA PHE A 81 3.93 0.19 0.88
C PHE A 81 3.26 1.15 -0.08
N SER A 82 3.10 2.37 0.40
CA SER A 82 2.42 3.45 -0.29
C SER A 82 3.44 4.26 -1.10
N LYS A 83 2.95 5.28 -1.79
CA LYS A 83 3.83 6.02 -2.68
C LYS A 83 4.91 6.78 -1.91
N ASP A 84 4.66 7.15 -0.65
CA ASP A 84 5.69 7.82 0.14
C ASP A 84 6.66 6.86 0.80
N TRP A 85 6.61 5.57 0.43
CA TRP A 85 7.44 4.46 0.90
C TRP A 85 7.01 3.93 2.28
N SER A 86 5.99 4.51 2.90
CA SER A 86 5.55 4.01 4.20
C SER A 86 4.74 2.73 4.04
N PHE A 87 4.86 1.86 5.03
CA PHE A 87 4.28 0.52 4.98
C PHE A 87 2.84 0.50 5.45
N TYR A 88 2.08 -0.50 4.99
CA TYR A 88 0.75 -0.74 5.52
C TYR A 88 0.47 -2.24 5.58
N LEU A 89 -0.39 -2.62 6.52
CA LEU A 89 -0.82 -3.99 6.75
C LEU A 89 -2.27 -3.99 7.24
N LEU A 90 -3.02 -4.99 6.82
CA LEU A 90 -4.36 -5.24 7.36
C LEU A 90 -4.31 -6.52 8.17
N TYR A 91 -4.70 -6.42 9.44
CA TYR A 91 -4.89 -7.57 10.31
C TYR A 91 -6.39 -7.73 10.51
N TYR A 92 -6.88 -8.97 10.41
CA TYR A 92 -8.32 -9.21 10.39
C TYR A 92 -8.66 -10.57 10.97
N THR A 93 -9.90 -10.67 11.47
CA THR A 93 -10.45 -11.91 12.01
C THR A 93 -11.96 -11.86 11.88
N GLU A 94 -12.57 -13.02 11.70
CA GLU A 94 -14.02 -13.14 11.79
C GLU A 94 -14.46 -12.94 13.23
N PHE A 95 -15.59 -12.26 13.41
CA PHE A 95 -16.13 -12.05 14.76
C PHE A 95 -17.61 -11.74 14.67
N THR A 96 -18.28 -11.88 15.82
CA THR A 96 -19.68 -11.52 15.98
C THR A 96 -19.80 -10.55 17.14
N PRO A 97 -20.02 -9.27 16.88
CA PRO A 97 -20.06 -8.29 17.97
C PRO A 97 -21.29 -8.46 18.83
N THR A 98 -21.17 -7.99 20.09
CA THR A 98 -22.30 -7.91 21.01
C THR A 98 -22.40 -6.49 21.57
N GLU A 99 -23.23 -6.30 22.60
CA GLU A 99 -23.45 -4.98 23.16
C GLU A 99 -22.31 -4.55 24.07
N LYS A 100 -21.78 -5.45 24.89
CA LYS A 100 -20.82 -5.07 25.93
C LYS A 100 -19.43 -5.64 25.76
N ASP A 101 -19.14 -6.36 24.67
CA ASP A 101 -17.77 -6.75 24.38
C ASP A 101 -17.01 -5.56 23.82
N GLU A 102 -15.80 -5.34 24.34
CA GLU A 102 -14.96 -4.22 23.93
C GLU A 102 -13.80 -4.76 23.10
N TYR A 103 -13.79 -4.45 21.80
CA TYR A 103 -12.72 -4.87 20.90
C TYR A 103 -11.69 -3.78 20.73
N ALA A 104 -10.45 -4.19 20.44
CA ALA A 104 -9.38 -3.22 20.32
C ALA A 104 -8.25 -3.80 19.48
N CYS A 105 -7.36 -2.91 19.07
CA CYS A 105 -6.13 -3.27 18.38
C CYS A 105 -4.98 -2.74 19.21
N ARG A 106 -3.98 -3.60 19.47
CA ARG A 106 -2.78 -3.22 20.19
C ARG A 106 -1.60 -3.34 19.25
N VAL A 107 -0.82 -2.27 19.16
CA VAL A 107 0.24 -2.14 18.17
C VAL A 107 1.53 -1.72 18.87
N ASN A 108 2.63 -2.39 18.54
CA ASN A 108 3.93 -1.96 19.03
C ASN A 108 4.85 -1.71 17.84
N HIS A 109 5.78 -0.78 18.02
CA HIS A 109 6.65 -0.29 16.95
C HIS A 109 7.79 0.47 17.61
N VAL A 110 8.90 0.62 16.88
CA VAL A 110 10.07 1.25 17.49
C VAL A 110 9.79 2.70 17.86
N THR A 111 8.82 3.33 17.21
CA THR A 111 8.45 4.71 17.51
C THR A 111 7.58 4.83 18.75
N LEU A 112 7.13 3.73 19.32
CA LEU A 112 6.24 3.73 20.49
C LEU A 112 7.02 3.29 21.72
N SER A 113 6.97 4.13 22.77
CA SER A 113 7.64 3.79 24.02
C SER A 113 6.88 2.76 24.85
N GLN A 114 5.62 2.51 24.50
CA GLN A 114 4.82 1.40 25.02
C GLN A 114 3.73 1.10 24.00
N PRO A 115 3.18 -0.11 23.99
CA PRO A 115 2.19 -0.44 22.95
C PRO A 115 0.97 0.46 23.01
N LYS A 116 0.45 0.80 21.84
CA LYS A 116 -0.69 1.70 21.71
C LYS A 116 -1.95 0.88 21.45
N ILE A 117 -3.00 1.17 22.21
CA ILE A 117 -4.26 0.44 22.15
C ILE A 117 -5.33 1.36 21.57
N VAL A 118 -6.00 0.90 20.52
CA VAL A 118 -7.10 1.64 19.89
C VAL A 118 -8.35 0.77 19.97
N LYS A 119 -9.40 1.30 20.62
CA LYS A 119 -10.63 0.55 20.79
C LYS A 119 -11.48 0.61 19.52
N TRP A 120 -12.24 -0.46 19.29
CA TRP A 120 -13.24 -0.46 18.22
C TRP A 120 -14.40 0.42 18.64
N ASP A 121 -14.56 1.57 17.99
CA ASP A 121 -15.64 2.50 18.27
C ASP A 121 -16.76 2.21 17.29
N ARG A 122 -17.86 1.62 17.79
CA ARG A 122 -18.94 1.21 16.89
C ARG A 122 -19.63 2.41 16.24
N ASP A 123 -19.76 3.51 16.97
CA ASP A 123 -20.38 4.72 16.45
C ASP A 123 -19.65 5.25 15.22
N GLY A 143 -15.05 1.16 -15.49
CA GLY A 143 -14.67 2.42 -14.90
C GLY A 143 -14.02 3.40 -15.88
N SER A 144 -12.89 3.98 -15.47
CA SER A 144 -12.19 4.92 -16.35
C SER A 144 -11.60 4.22 -17.56
N GLY A 145 -11.24 2.95 -17.43
CA GLY A 145 -10.57 2.23 -18.48
C GLY A 145 -9.06 2.28 -18.42
N SER A 146 -8.47 3.11 -17.55
CA SER A 146 -7.01 3.09 -17.37
C SER A 146 -6.62 2.17 -16.23
N HIS A 147 -5.44 1.58 -16.36
CA HIS A 147 -5.02 0.52 -15.43
C HIS A 147 -3.53 0.58 -15.18
N SER A 148 -3.11 -0.05 -14.09
CA SER A 148 -1.70 -0.06 -13.71
C SER A 148 -1.28 -1.46 -13.28
N MET A 149 -0.02 -1.79 -13.53
CA MET A 149 0.63 -2.93 -12.90
C MET A 149 1.81 -2.43 -12.11
N ARG A 150 1.98 -2.94 -10.88
CA ARG A 150 3.12 -2.57 -10.04
C ARG A 150 3.69 -3.80 -9.35
N TYR A 151 5.00 -3.83 -9.25
CA TYR A 151 5.64 -4.75 -8.31
C TYR A 151 6.34 -3.94 -7.22
N PHE A 152 6.22 -4.41 -5.97
CA PHE A 152 6.72 -3.69 -4.79
C PHE A 152 7.65 -4.65 -4.07
N TYR A 153 8.89 -4.21 -3.83
CA TYR A 153 9.90 -5.04 -3.18
C TYR A 153 10.32 -4.39 -1.88
N THR A 154 10.38 -5.19 -0.80
CA THR A 154 10.93 -4.72 0.48
C THR A 154 11.99 -5.70 0.94
N SER A 155 13.22 -5.20 1.14
CA SER A 155 14.35 -6.00 1.60
C SER A 155 14.87 -5.37 2.88
N VAL A 156 15.00 -6.16 3.95
CA VAL A 156 15.32 -5.63 5.26
C VAL A 156 16.46 -6.45 5.83
N SER A 157 17.61 -5.82 6.05
CA SER A 157 18.69 -6.54 6.71
C SER A 157 18.38 -6.79 8.18
N ARG A 158 18.94 -7.88 8.72
CA ARG A 158 18.77 -8.22 10.13
C ARG A 158 20.11 -8.70 10.67
N PRO A 159 21.04 -7.78 10.90
CA PRO A 159 22.34 -8.13 11.44
C PRO A 159 22.23 -9.00 12.69
N GLY A 160 23.03 -10.08 12.71
CA GLY A 160 23.01 -11.03 13.80
C GLY A 160 21.90 -12.05 13.74
N ARG A 161 21.01 -11.97 12.74
CA ARG A 161 19.82 -12.82 12.74
C ARG A 161 19.56 -13.41 11.35
N GLY A 162 20.64 -13.70 10.61
CA GLY A 162 20.52 -14.34 9.30
C GLY A 162 20.57 -13.35 8.16
N GLU A 163 20.12 -13.82 7.01
CA GLU A 163 20.14 -13.03 5.79
C GLU A 163 18.93 -12.08 5.75
N PRO A 164 18.98 -11.05 4.90
CA PRO A 164 17.85 -10.11 4.86
C PRO A 164 16.55 -10.80 4.51
N ARG A 165 15.45 -10.26 5.03
CA ARG A 165 14.15 -10.73 4.60
C ARG A 165 13.74 -10.00 3.33
N PHE A 166 13.27 -10.76 2.35
CA PHE A 166 12.83 -10.22 1.06
CA PHE A 166 12.84 -10.25 1.05
C PHE A 166 11.37 -10.57 0.86
N ILE A 167 10.53 -9.55 0.70
CA ILE A 167 9.11 -9.74 0.43
C ILE A 167 8.75 -8.87 -0.75
N SER A 168 8.07 -9.45 -1.74
CA SER A 168 7.64 -8.70 -2.92
CA SER A 168 7.59 -8.62 -2.83
C SER A 168 6.20 -9.07 -3.25
N VAL A 169 5.44 -8.09 -3.71
CA VAL A 169 4.06 -8.32 -4.09
C VAL A 169 3.84 -7.65 -5.43
N GLY A 170 2.94 -8.23 -6.22
CA GLY A 170 2.53 -7.66 -7.50
C GLY A 170 1.05 -7.32 -7.48
N TYR A 171 0.72 -6.16 -8.06
CA TYR A 171 -0.64 -5.67 -8.11
C TYR A 171 -1.02 -5.32 -9.54
N VAL A 172 -2.29 -5.54 -9.86
CA VAL A 172 -2.95 -4.86 -10.98
C VAL A 172 -3.97 -3.94 -10.34
N ASP A 173 -3.84 -2.62 -10.62
CA ASP A 173 -4.60 -1.61 -9.89
C ASP A 173 -4.52 -1.88 -8.38
N ASP A 174 -5.66 -2.06 -7.71
CA ASP A 174 -5.63 -2.32 -6.27
C ASP A 174 -5.87 -3.79 -5.92
N THR A 175 -5.62 -4.69 -6.86
CA THR A 175 -5.79 -6.13 -6.67
C THR A 175 -4.43 -6.81 -6.67
N GLN A 176 -4.06 -7.40 -5.53
CA GLN A 176 -2.82 -8.17 -5.48
C GLN A 176 -2.98 -9.45 -6.28
N PHE A 177 -1.94 -9.85 -7.00
CA PHE A 177 -2.05 -11.12 -7.73
C PHE A 177 -0.88 -12.08 -7.52
N VAL A 178 0.28 -11.65 -7.02
CA VAL A 178 1.35 -12.58 -6.65
C VAL A 178 2.02 -12.11 -5.35
N ARG A 179 2.74 -13.04 -4.71
CA ARG A 179 3.64 -12.64 -3.63
C ARG A 179 4.86 -13.56 -3.65
N PHE A 180 5.97 -13.03 -3.14
CA PHE A 180 7.18 -13.80 -2.92
C PHE A 180 7.70 -13.46 -1.53
N ASP A 181 8.01 -14.47 -0.73
CA ASP A 181 8.55 -14.23 0.60
C ASP A 181 9.74 -15.15 0.81
N SER A 182 10.92 -14.55 1.02
CA SER A 182 12.13 -15.36 1.12
C SER A 182 12.20 -16.13 2.43
N ASP A 183 11.27 -15.87 3.36
CA ASP A 183 11.20 -16.64 4.60
C ASP A 183 10.15 -17.74 4.56
N ALA A 184 9.42 -17.90 3.45
CA ALA A 184 8.50 -19.01 3.31
C ALA A 184 9.29 -20.32 3.33
N ALA A 185 8.61 -21.41 3.70
CA ALA A 185 9.28 -22.71 3.77
C ALA A 185 9.92 -23.06 2.43
N SER A 186 9.24 -22.74 1.33
CA SER A 186 9.78 -22.92 -0.01
C SER A 186 9.52 -21.63 -0.78
N PRO A 187 10.46 -20.68 -0.77
CA PRO A 187 10.22 -19.40 -1.43
C PRO A 187 9.90 -19.58 -2.91
N ARG A 188 8.75 -19.05 -3.32
CA ARG A 188 8.29 -19.17 -4.70
C ARG A 188 7.42 -17.99 -5.02
N GLU A 189 7.33 -17.66 -6.31
CA GLU A 189 6.25 -16.79 -6.75
C GLU A 189 4.93 -17.53 -6.56
N GLU A 190 4.03 -16.97 -5.76
CA GLU A 190 2.79 -17.63 -5.37
C GLU A 190 1.58 -16.86 -5.90
N PRO A 191 0.56 -17.54 -6.41
CA PRO A 191 -0.65 -16.83 -6.85
C PRO A 191 -1.43 -16.26 -5.67
N ARG A 192 -2.02 -15.09 -5.89
CA ARG A 192 -2.85 -14.44 -4.87
C ARG A 192 -4.17 -13.92 -5.43
N ALA A 193 -4.45 -14.18 -6.70
CA ALA A 193 -5.73 -13.83 -7.32
C ALA A 193 -6.16 -15.00 -8.20
N PRO A 194 -7.46 -15.25 -8.29
CA PRO A 194 -7.91 -16.43 -9.05
C PRO A 194 -7.50 -16.41 -10.51
N TRP A 195 -7.48 -15.23 -11.13
CA TRP A 195 -7.26 -15.18 -12.57
C TRP A 195 -5.79 -15.38 -12.97
N ILE A 196 -4.86 -15.38 -12.01
CA ILE A 196 -3.46 -15.70 -12.33
C ILE A 196 -3.20 -17.19 -12.26
N GLU A 197 -4.10 -17.97 -11.68
CA GLU A 197 -3.78 -19.37 -11.43
C GLU A 197 -3.60 -20.17 -12.72
N GLN A 198 -4.22 -19.74 -13.82
CA GLN A 198 -4.17 -20.44 -15.09
C GLN A 198 -2.79 -20.37 -15.77
N GLU A 199 -1.91 -19.47 -15.33
CA GLU A 199 -0.58 -19.42 -15.93
C GLU A 199 0.15 -20.74 -15.70
N GLY A 200 0.88 -21.16 -16.74
CA GLY A 200 1.55 -22.45 -16.74
C GLY A 200 2.86 -22.43 -15.96
N PRO A 201 3.45 -23.63 -15.82
CA PRO A 201 4.65 -23.76 -14.98
C PRO A 201 5.81 -22.89 -15.43
N GLU A 202 5.95 -22.66 -16.73
CA GLU A 202 6.97 -21.74 -17.21
C GLU A 202 6.83 -20.38 -16.55
N TYR A 203 5.61 -19.87 -16.41
CA TYR A 203 5.39 -18.57 -15.80
C TYR A 203 5.86 -18.57 -14.34
N TRP A 204 5.47 -19.59 -13.58
CA TRP A 204 5.82 -19.58 -12.16
C TRP A 204 7.32 -19.80 -11.97
N ASP A 205 7.91 -20.69 -12.78
CA ASP A 205 9.34 -20.95 -12.63
C ASP A 205 10.16 -19.73 -13.01
N ARG A 206 9.75 -19.05 -14.09
CA ARG A 206 10.49 -17.87 -14.57
C ARG A 206 10.43 -16.74 -13.55
N ASN A 207 9.23 -16.45 -13.04
CA ASN A 207 9.14 -15.33 -12.12
C ASN A 207 9.72 -15.66 -10.76
N THR A 208 9.65 -16.94 -10.35
CA THR A 208 10.38 -17.35 -9.15
C THR A 208 11.86 -17.09 -9.32
N GLN A 209 12.41 -17.43 -10.49
CA GLN A 209 13.83 -17.23 -10.72
C GLN A 209 14.21 -15.77 -10.63
N ILE A 210 13.39 -14.90 -11.22
CA ILE A 210 13.65 -13.47 -11.14
C ILE A 210 13.63 -13.01 -9.69
N CYS A 211 12.68 -13.50 -8.90
CA CYS A 211 12.62 -13.15 -7.47
C CYS A 211 13.87 -13.59 -6.74
N LYS A 212 14.26 -14.85 -6.94
CA LYS A 212 15.39 -15.38 -6.20
C LYS A 212 16.67 -14.66 -6.59
N THR A 213 16.77 -14.27 -7.87
CA THR A 213 17.89 -13.45 -8.31
C THR A 213 17.76 -12.01 -7.80
N ASN A 214 16.59 -11.39 -7.97
CA ASN A 214 16.40 -10.03 -7.44
C ASN A 214 16.67 -10.00 -5.94
N THR A 215 16.53 -11.14 -5.25
CA THR A 215 16.90 -11.28 -3.85
C THR A 215 18.39 -11.01 -3.63
N GLN A 216 19.25 -11.71 -4.38
CA GLN A 216 20.68 -11.64 -4.14
C GLN A 216 21.25 -10.30 -4.61
N THR A 217 20.64 -9.71 -5.64
CA THR A 217 20.96 -8.35 -6.06
C THR A 217 20.73 -7.35 -4.94
N ASP A 218 19.54 -7.38 -4.35
CA ASP A 218 19.23 -6.44 -3.28
C ASP A 218 20.11 -6.72 -2.07
N ARG A 219 20.53 -7.97 -1.89
CA ARG A 219 21.45 -8.29 -0.79
C ARG A 219 22.79 -7.58 -0.97
N GLU A 220 23.40 -7.70 -2.15
CA GLU A 220 24.63 -6.98 -2.39
C GLU A 220 24.38 -5.47 -2.41
N SER A 221 23.21 -5.03 -2.89
CA SER A 221 22.91 -3.60 -2.86
C SER A 221 22.86 -3.09 -1.41
N LEU A 222 22.24 -3.84 -0.50
CA LEU A 222 22.21 -3.39 0.89
C LEU A 222 23.62 -3.22 1.45
N ARG A 223 24.50 -4.18 1.15
CA ARG A 223 25.89 -4.08 1.59
CA ARG A 223 25.89 -4.08 1.59
C ARG A 223 26.56 -2.86 0.99
N ASN A 224 26.32 -2.59 -0.30
CA ASN A 224 26.97 -1.47 -0.93
C ASN A 224 26.47 -0.15 -0.33
N LEU A 225 25.16 -0.07 -0.06
CA LEU A 225 24.58 1.14 0.49
C LEU A 225 25.08 1.41 1.89
N ARG A 226 25.23 0.35 2.70
CA ARG A 226 25.81 0.55 4.03
CA ARG A 226 25.82 0.51 4.02
C ARG A 226 27.18 1.20 3.94
N GLY A 227 28.02 0.73 3.00
CA GLY A 227 29.34 1.30 2.87
C GLY A 227 29.33 2.73 2.35
N CYS A 228 28.40 3.02 1.44
CA CYS A 228 28.29 4.39 0.91
C CYS A 228 28.03 5.41 2.00
N TYR A 229 27.28 5.03 3.03
CA TYR A 229 26.98 5.93 4.14
C TYR A 229 27.80 5.63 5.40
N ASN A 230 28.85 4.82 5.30
CA ASN A 230 29.73 4.50 6.43
C ASN A 230 28.91 3.98 7.61
N GLN A 231 27.90 3.18 7.31
CA GLN A 231 27.02 2.70 8.35
C GLN A 231 27.53 1.40 8.95
N SER A 232 27.21 1.19 10.22
CA SER A 232 27.67 0.03 10.95
C SER A 232 27.00 -1.23 10.41
N GLU A 233 27.73 -2.33 10.46
CA GLU A 233 27.11 -3.60 10.11
C GLU A 233 26.16 -4.11 11.18
N ALA A 234 26.10 -3.45 12.33
CA ALA A 234 25.22 -3.87 13.43
C ALA A 234 23.79 -3.39 13.27
N GLY A 235 23.51 -2.46 12.35
CA GLY A 235 22.19 -1.88 12.23
C GLY A 235 21.39 -2.41 11.05
N SER A 236 20.05 -2.43 11.23
CA SER A 236 19.11 -2.85 10.19
C SER A 236 18.78 -1.70 9.25
N HIS A 237 18.72 -2.02 7.95
CA HIS A 237 18.41 -1.05 6.89
C HIS A 237 17.42 -1.65 5.90
N THR A 238 16.74 -0.77 5.18
CA THR A 238 15.61 -1.13 4.33
C THR A 238 15.87 -0.68 2.90
N LEU A 239 15.69 -1.60 1.96
CA LEU A 239 15.75 -1.29 0.56
C LEU A 239 14.36 -1.52 -0.02
N GLN A 240 13.81 -0.52 -0.70
CA GLN A 240 12.49 -0.66 -1.31
C GLN A 240 12.60 -0.34 -2.78
N ARG A 241 11.92 -1.13 -3.60
CA ARG A 241 11.91 -0.89 -5.04
C ARG A 241 10.50 -1.04 -5.59
N MET A 242 10.20 -0.24 -6.61
CA MET A 242 8.90 -0.30 -7.27
C MET A 242 9.12 -0.16 -8.77
N TYR A 243 8.40 -0.96 -9.56
CA TYR A 243 8.38 -0.70 -11.00
C TYR A 243 7.04 -1.14 -11.57
N GLY A 244 6.76 -0.66 -12.79
CA GLY A 244 5.56 -1.10 -13.46
C GLY A 244 5.09 -0.07 -14.46
N CYS A 245 3.87 -0.25 -14.93
CA CYS A 245 3.41 0.52 -16.09
C CYS A 245 1.96 0.90 -15.91
N ASP A 246 1.60 2.02 -16.51
CA ASP A 246 0.22 2.50 -16.61
C ASP A 246 -0.23 2.37 -18.06
N VAL A 247 -1.47 1.90 -18.27
CA VAL A 247 -2.01 1.80 -19.61
C VAL A 247 -3.37 2.48 -19.66
N GLY A 248 -3.71 2.94 -20.85
CA GLY A 248 -4.99 3.59 -21.06
C GLY A 248 -6.06 2.60 -21.50
N PRO A 249 -7.27 3.10 -21.80
CA PRO A 249 -8.35 2.19 -22.23
C PRO A 249 -8.02 1.34 -23.44
N ASP A 250 -7.18 1.82 -24.35
CA ASP A 250 -6.84 1.08 -25.55
C ASP A 250 -5.62 0.19 -25.38
N GLY A 251 -5.05 0.12 -24.19
CA GLY A 251 -3.90 -0.73 -23.98
C GLY A 251 -2.55 -0.07 -24.14
N ARG A 252 -2.48 1.17 -24.58
CA ARG A 252 -1.16 1.74 -24.84
C ARG A 252 -0.51 2.21 -23.56
N LEU A 253 0.81 2.23 -23.58
CA LEU A 253 1.58 2.69 -22.42
C LEU A 253 1.37 4.18 -22.21
N LEU A 254 0.94 4.56 -21.00
CA LEU A 254 0.86 5.96 -20.62
C LEU A 254 2.06 6.43 -19.82
N ARG A 255 2.67 5.56 -19.01
CA ARG A 255 3.78 5.97 -18.16
C ARG A 255 4.43 4.72 -17.63
N GLY A 256 5.76 4.71 -17.58
CA GLY A 256 6.48 3.64 -16.89
C GLY A 256 7.19 4.15 -15.65
N HIS A 257 7.50 3.24 -14.71
CA HIS A 257 8.07 3.61 -13.41
C HIS A 257 9.15 2.64 -13.00
N ASN A 258 10.20 3.16 -12.37
CA ASN A 258 11.18 2.29 -11.70
C ASN A 258 11.88 3.13 -10.63
N GLN A 259 11.47 2.94 -9.38
CA GLN A 259 11.95 3.74 -8.26
C GLN A 259 12.66 2.87 -7.25
N PHE A 260 13.56 3.50 -6.49
CA PHE A 260 14.46 2.83 -5.53
C PHE A 260 14.55 3.73 -4.32
N ALA A 261 14.32 3.19 -3.14
CA ALA A 261 14.42 3.94 -1.91
C ALA A 261 15.32 3.20 -0.94
N TYR A 262 16.04 3.98 -0.13
CA TYR A 262 16.89 3.43 0.91
C TYR A 262 16.47 4.07 2.22
N ASP A 263 16.17 3.24 3.22
CA ASP A 263 15.71 3.68 4.55
C ASP A 263 14.58 4.70 4.45
N GLY A 264 13.64 4.42 3.55
CA GLY A 264 12.37 5.11 3.50
C GLY A 264 12.42 6.42 2.76
N LYS A 265 13.49 6.68 2.02
CA LYS A 265 13.66 7.93 1.30
C LYS A 265 14.10 7.62 -0.12
N ASP A 266 13.68 8.47 -1.06
CA ASP A 266 14.12 8.34 -2.46
C ASP A 266 15.63 8.19 -2.53
N TYR A 267 16.07 7.26 -3.39
CA TYR A 267 17.50 7.09 -3.68
C TYR A 267 17.80 7.35 -5.14
N ILE A 268 17.17 6.62 -6.06
CA ILE A 268 17.36 6.85 -7.48
C ILE A 268 16.08 6.44 -8.20
N ALA A 269 15.69 7.22 -9.20
CA ALA A 269 14.46 6.92 -9.93
C ALA A 269 14.69 7.09 -11.42
N LEU A 270 14.05 6.21 -12.20
CA LEU A 270 14.03 6.39 -13.65
C LEU A 270 13.05 7.52 -14.00
N ASN A 271 13.51 8.45 -14.84
CA ASN A 271 12.67 9.58 -15.20
C ASN A 271 11.58 9.15 -16.17
N GLU A 272 10.63 10.06 -16.39
CA GLU A 272 9.48 9.73 -17.23
C GLU A 272 9.89 9.42 -18.67
N ASP A 273 11.00 9.99 -19.13
CA ASP A 273 11.45 9.67 -20.48
C ASP A 273 11.97 8.23 -20.63
N LEU A 274 12.09 7.48 -19.51
CA LEU A 274 12.62 6.12 -19.50
C LEU A 274 14.02 6.03 -20.10
N SER A 275 14.78 7.12 -19.99
CA SER A 275 16.12 7.16 -20.55
C SER A 275 17.12 7.92 -19.70
N SER A 276 16.70 8.58 -18.62
CA SER A 276 17.61 9.30 -17.73
C SER A 276 17.17 9.02 -16.30
N TRP A 277 18.04 9.39 -15.35
CA TRP A 277 17.87 9.09 -13.93
C TRP A 277 17.85 10.37 -13.10
N THR A 278 17.13 10.33 -11.97
CA THR A 278 17.22 11.34 -10.94
C THR A 278 17.79 10.71 -9.69
N ALA A 279 18.93 11.23 -9.22
CA ALA A 279 19.63 10.67 -8.07
C ALA A 279 19.57 11.63 -6.89
N ALA A 280 19.39 11.08 -5.69
CA ALA A 280 19.07 11.90 -4.52
C ALA A 280 20.29 12.60 -3.94
N ASP A 281 21.49 12.03 -4.09
CA ASP A 281 22.67 12.57 -3.41
C ASP A 281 23.91 12.00 -4.10
N THR A 282 25.09 12.27 -3.52
CA THR A 282 26.32 11.89 -4.21
C THR A 282 26.52 10.37 -4.24
N ALA A 283 26.07 9.65 -3.20
CA ALA A 283 26.13 8.20 -3.26
C ALA A 283 25.27 7.65 -4.39
N ALA A 284 24.07 8.17 -4.54
CA ALA A 284 23.16 7.67 -5.57
C ALA A 284 23.67 8.02 -6.97
N GLN A 285 24.45 9.11 -7.07
CA GLN A 285 25.02 9.51 -8.35
C GLN A 285 26.07 8.51 -8.81
N ILE A 286 26.77 7.88 -7.88
CA ILE A 286 27.69 6.81 -8.24
C ILE A 286 26.93 5.64 -8.87
N THR A 287 25.78 5.29 -8.30
CA THR A 287 24.91 4.28 -8.91
C THR A 287 24.40 4.77 -10.27
N GLN A 288 24.04 6.05 -10.36
CA GLN A 288 23.57 6.59 -11.63
C GLN A 288 24.61 6.39 -12.73
N ARG A 289 25.86 6.75 -12.46
CA ARG A 289 26.87 6.63 -13.49
C ARG A 289 27.15 5.17 -13.82
N LYS A 290 27.05 4.27 -12.83
CA LYS A 290 27.22 2.84 -13.12
C LYS A 290 26.11 2.35 -14.05
N TRP A 291 24.86 2.73 -13.76
CA TRP A 291 23.75 2.28 -14.60
C TRP A 291 23.73 2.97 -15.95
N GLU A 292 24.22 4.20 -16.02
CA GLU A 292 24.36 4.87 -17.32
C GLU A 292 25.36 4.13 -18.20
N ALA A 293 26.53 3.79 -17.64
CA ALA A 293 27.55 3.13 -18.44
C ALA A 293 27.10 1.74 -18.89
N ALA A 294 26.29 1.06 -18.09
CA ALA A 294 25.77 -0.26 -18.45
C ALA A 294 24.46 -0.19 -19.23
N ARG A 295 23.95 1.00 -19.51
CA ARG A 295 22.74 1.21 -20.32
C ARG A 295 21.52 0.50 -19.69
N VAL A 296 21.42 0.60 -18.37
CA VAL A 296 20.30 -0.01 -17.65
C VAL A 296 18.97 0.59 -18.12
N ALA A 297 18.93 1.91 -18.32
CA ALA A 297 17.67 2.55 -18.70
C ALA A 297 17.10 1.94 -19.96
N GLU A 298 17.94 1.67 -20.96
CA GLU A 298 17.48 1.07 -22.20
C GLU A 298 16.84 -0.29 -21.97
N GLN A 299 17.42 -1.09 -21.07
CA GLN A 299 16.82 -2.39 -20.75
C GLN A 299 15.49 -2.23 -20.05
N LEU A 300 15.38 -1.27 -19.14
CA LEU A 300 14.13 -1.07 -18.43
CA LEU A 300 14.12 -1.10 -18.44
C LEU A 300 13.07 -0.52 -19.36
N ARG A 301 13.46 0.42 -20.24
CA ARG A 301 12.52 0.95 -21.22
C ARG A 301 11.97 -0.17 -22.09
N THR A 302 12.83 -1.09 -22.53
CA THR A 302 12.37 -2.22 -23.35
C THR A 302 11.35 -3.07 -22.58
N TYR A 303 11.62 -3.30 -21.30
CA TYR A 303 10.67 -4.07 -20.49
C TYR A 303 9.35 -3.31 -20.33
N LEU A 304 9.44 -2.02 -19.99
CA LEU A 304 8.24 -1.25 -19.69
C LEU A 304 7.36 -1.07 -20.91
N GLU A 305 7.96 -0.93 -22.08
CA GLU A 305 7.20 -0.74 -23.32
C GLU A 305 6.69 -2.04 -23.91
N GLY A 306 7.27 -3.16 -23.50
CA GLY A 306 6.96 -4.46 -24.08
C GLY A 306 6.37 -5.41 -23.08
N THR A 307 7.23 -6.20 -22.42
CA THR A 307 6.78 -7.20 -21.45
C THR A 307 5.74 -6.65 -20.47
N CYS A 308 6.02 -5.49 -19.86
CA CYS A 308 5.14 -4.97 -18.82
C CYS A 308 3.73 -4.76 -19.36
N VAL A 309 3.60 -4.03 -20.47
CA VAL A 309 2.28 -3.68 -20.99
C VAL A 309 1.60 -4.92 -21.59
N GLU A 310 2.39 -5.79 -22.21
CA GLU A 310 1.85 -7.03 -22.79
C GLU A 310 1.24 -7.93 -21.72
N TRP A 311 1.94 -8.13 -20.60
CA TRP A 311 1.35 -8.96 -19.54
C TRP A 311 0.20 -8.24 -18.83
N LEU A 312 0.30 -6.92 -18.63
CA LEU A 312 -0.83 -6.21 -18.04
C LEU A 312 -2.09 -6.36 -18.90
N ARG A 313 -1.95 -6.25 -20.22
CA ARG A 313 -3.11 -6.43 -21.09
C ARG A 313 -3.70 -7.83 -20.92
N ARG A 314 -2.82 -8.84 -20.80
CA ARG A 314 -3.26 -10.22 -20.65
C ARG A 314 -4.00 -10.40 -19.34
N TYR A 315 -3.45 -9.88 -18.24
CA TYR A 315 -4.13 -10.00 -16.95
C TYR A 315 -5.48 -9.31 -16.99
N LEU A 316 -5.55 -8.13 -17.58
CA LEU A 316 -6.82 -7.41 -17.62
C LEU A 316 -7.87 -8.22 -18.34
N GLU A 317 -7.47 -8.99 -19.36
CA GLU A 317 -8.46 -9.77 -20.10
C GLU A 317 -8.84 -11.01 -19.31
N ASN A 318 -7.84 -11.70 -18.75
CA ASN A 318 -8.12 -12.92 -18.00
C ASN A 318 -8.93 -12.64 -16.75
N GLY A 319 -8.71 -11.49 -16.12
CA GLY A 319 -9.47 -11.13 -14.94
C GLY A 319 -10.53 -10.07 -15.18
N LYS A 320 -11.03 -9.96 -16.41
CA LYS A 320 -11.87 -8.80 -16.74
C LYS A 320 -13.12 -8.71 -15.87
N GLU A 321 -13.65 -9.85 -15.43
CA GLU A 321 -14.92 -9.81 -14.70
C GLU A 321 -14.79 -9.11 -13.36
N THR A 322 -13.60 -9.11 -12.76
CA THR A 322 -13.34 -8.35 -11.54
C THR A 322 -12.48 -7.13 -11.77
N LEU A 323 -11.45 -7.23 -12.63
CA LEU A 323 -10.49 -6.15 -12.77
C LEU A 323 -11.04 -4.96 -13.53
N GLN A 324 -11.99 -5.19 -14.44
CA GLN A 324 -12.56 -4.12 -15.24
C GLN A 324 -13.94 -3.71 -14.75
N ARG A 325 -14.27 -4.04 -13.51
CA ARG A 325 -15.51 -3.64 -12.87
C ARG A 325 -15.18 -2.63 -11.79
N ALA A 326 -15.74 -1.43 -11.89
CA ALA A 326 -15.65 -0.45 -10.83
C ALA A 326 -16.88 -0.57 -9.94
N ASP A 327 -16.66 -0.69 -8.63
CA ASP A 327 -17.78 -0.72 -7.68
C ASP A 327 -17.99 0.69 -7.14
N PRO A 328 -19.13 1.34 -7.37
CA PRO A 328 -19.32 2.70 -6.86
C PRO A 328 -19.44 2.70 -5.36
N PRO A 329 -19.12 3.82 -4.71
CA PRO A 329 -19.29 3.90 -3.26
C PRO A 329 -20.75 3.96 -2.84
N LYS A 330 -21.04 3.28 -1.73
CA LYS A 330 -22.30 3.46 -1.00
C LYS A 330 -22.05 4.55 0.03
N THR A 331 -22.86 5.61 -0.01
CA THR A 331 -22.54 6.82 0.75
C THR A 331 -23.66 7.18 1.71
N HIS A 332 -23.27 7.75 2.85
CA HIS A 332 -24.25 8.30 3.80
C HIS A 332 -23.55 9.29 4.73
N VAL A 333 -24.37 10.09 5.41
CA VAL A 333 -23.89 11.10 6.35
C VAL A 333 -24.38 10.73 7.74
N THR A 334 -23.50 10.83 8.73
CA THR A 334 -23.87 10.64 10.12
C THR A 334 -23.64 11.93 10.90
N HIS A 335 -24.35 12.05 12.02
CA HIS A 335 -24.34 13.25 12.86
C HIS A 335 -23.91 12.87 14.26
N HIS A 336 -22.86 13.54 14.75
CA HIS A 336 -22.29 13.22 16.09
C HIS A 336 -22.11 14.53 16.84
N PRO A 337 -22.98 14.84 17.84
CA PRO A 337 -22.91 16.13 18.50
C PRO A 337 -21.69 16.39 19.36
N ILE A 338 -21.07 17.56 19.16
CA ILE A 338 -19.94 17.99 20.02
C ILE A 338 -20.58 18.97 21.00
N SER A 339 -21.31 18.44 22.00
CA SER A 339 -22.04 19.31 22.95
C SER A 339 -23.33 19.81 22.29
N ASP A 340 -23.98 20.81 22.88
CA ASP A 340 -25.29 21.28 22.33
C ASP A 340 -25.06 22.48 21.40
N HIS A 341 -23.80 22.84 21.13
CA HIS A 341 -23.51 24.06 20.32
C HIS A 341 -22.85 23.76 18.96
N GLU A 342 -22.20 22.62 18.81
CA GLU A 342 -21.63 22.26 17.52
C GLU A 342 -21.67 20.75 17.38
N ALA A 343 -21.42 20.27 16.17
CA ALA A 343 -21.56 18.85 15.90
C ALA A 343 -20.66 18.48 14.72
N THR A 344 -20.31 17.20 14.68
CA THR A 344 -19.50 16.66 13.59
C THR A 344 -20.43 16.02 12.56
N LEU A 345 -20.31 16.46 11.32
CA LEU A 345 -20.91 15.78 10.18
C LEU A 345 -19.84 14.90 9.54
N ARG A 346 -20.16 13.62 9.35
CA ARG A 346 -19.21 12.66 8.80
C ARG A 346 -19.80 12.06 7.54
N CYS A 347 -19.11 12.27 6.42
CA CYS A 347 -19.54 11.71 5.14
C CYS A 347 -18.82 10.39 4.90
N TRP A 348 -19.60 9.33 4.69
CA TRP A 348 -19.09 7.98 4.60
C TRP A 348 -19.14 7.47 3.17
N ALA A 349 -18.07 6.80 2.75
CA ALA A 349 -18.04 6.08 1.48
C ALA A 349 -17.63 4.64 1.75
N LEU A 350 -18.47 3.69 1.35
CA LEU A 350 -18.22 2.29 1.64
C LEU A 350 -18.33 1.44 0.37
N GLY A 351 -17.57 0.34 0.36
CA GLY A 351 -17.75 -0.68 -0.65
C GLY A 351 -17.31 -0.33 -2.06
N PHE A 352 -16.37 0.60 -2.21
CA PHE A 352 -15.96 1.03 -3.55
C PHE A 352 -14.65 0.37 -3.99
N TYR A 353 -14.49 0.28 -5.31
CA TYR A 353 -13.31 -0.26 -5.95
C TYR A 353 -13.21 0.43 -7.30
N PRO A 354 -12.04 0.94 -7.70
CA PRO A 354 -10.75 0.90 -6.99
C PRO A 354 -10.69 1.89 -5.84
N ALA A 355 -9.53 2.03 -5.21
CA ALA A 355 -9.43 2.78 -3.96
C ALA A 355 -9.50 4.28 -4.17
N GLU A 356 -9.08 4.78 -5.33
CA GLU A 356 -9.05 6.23 -5.56
C GLU A 356 -10.45 6.82 -5.42
N ILE A 357 -10.56 7.86 -4.60
CA ILE A 357 -11.84 8.52 -4.34
C ILE A 357 -11.55 9.92 -3.82
N THR A 358 -12.50 10.84 -4.02
CA THR A 358 -12.38 12.18 -3.46
C THR A 358 -13.67 12.52 -2.72
N LEU A 359 -13.54 12.81 -1.43
CA LEU A 359 -14.64 13.26 -0.59
C LEU A 359 -14.34 14.70 -0.17
N THR A 360 -15.28 15.59 -0.41
CA THR A 360 -15.12 16.98 -0.05
C THR A 360 -16.39 17.49 0.61
N TRP A 361 -16.23 18.31 1.63
CA TRP A 361 -17.36 19.01 2.24
C TRP A 361 -17.42 20.43 1.69
N GLN A 362 -18.64 20.92 1.51
CA GLN A 362 -18.85 22.27 1.03
C GLN A 362 -19.83 22.99 1.94
N ARG A 363 -19.62 24.28 2.14
CA ARG A 363 -20.59 25.15 2.82
C ARG A 363 -21.06 26.20 1.81
N ASP A 364 -22.36 26.21 1.54
CA ASP A 364 -22.93 27.06 0.50
C ASP A 364 -22.17 26.88 -0.82
N GLY A 365 -21.75 25.65 -1.10
CA GLY A 365 -21.10 25.33 -2.35
C GLY A 365 -19.58 25.44 -2.34
N GLU A 366 -18.97 26.02 -1.32
CA GLU A 366 -17.53 26.20 -1.29
C GLU A 366 -16.87 25.14 -0.40
N ASP A 367 -15.78 24.57 -0.89
CA ASP A 367 -15.11 23.48 -0.17
C ASP A 367 -14.58 23.95 1.17
N GLN A 368 -14.75 23.10 2.19
CA GLN A 368 -14.23 23.38 3.52
C GLN A 368 -12.85 22.73 3.69
N THR A 369 -11.91 23.20 2.85
CA THR A 369 -10.56 22.63 2.84
C THR A 369 -9.91 22.68 4.21
N GLN A 370 -10.05 23.81 4.91
CA GLN A 370 -9.30 24.03 6.15
C GLN A 370 -9.78 23.12 7.27
N ASP A 371 -11.08 22.86 7.35
CA ASP A 371 -11.68 22.22 8.52
C ASP A 371 -12.08 20.77 8.28
N THR A 372 -11.91 20.25 7.07
CA THR A 372 -12.34 18.89 6.78
C THR A 372 -11.26 17.91 7.23
N GLU A 373 -11.63 16.94 8.06
CA GLU A 373 -10.74 15.85 8.42
C GLU A 373 -11.00 14.65 7.51
N LEU A 374 -9.92 14.09 6.97
CA LEU A 374 -9.98 12.93 6.08
C LEU A 374 -9.15 11.81 6.69
N VAL A 375 -9.78 10.65 6.93
CA VAL A 375 -8.99 9.48 7.26
C VAL A 375 -8.41 8.87 5.99
N GLU A 376 -7.36 8.07 6.18
CA GLU A 376 -6.80 7.35 5.05
C GLU A 376 -7.75 6.27 4.58
N THR A 377 -7.85 6.13 3.26
CA THR A 377 -8.63 5.08 2.65
C THR A 377 -8.15 3.71 3.14
N ARG A 378 -9.10 2.87 3.55
CA ARG A 378 -8.77 1.62 4.22
C ARG A 378 -9.46 0.45 3.55
N PRO A 379 -8.82 -0.73 3.53
CA PRO A 379 -9.43 -1.87 2.86
C PRO A 379 -10.48 -2.54 3.71
N ALA A 380 -11.57 -2.94 3.06
CA ALA A 380 -12.63 -3.68 3.76
C ALA A 380 -12.21 -5.11 4.07
N GLY A 381 -11.28 -5.65 3.29
CA GLY A 381 -10.92 -7.05 3.37
C GLY A 381 -11.54 -7.90 2.28
N ASP A 382 -12.53 -7.39 1.56
CA ASP A 382 -13.24 -8.11 0.52
C ASP A 382 -12.97 -7.53 -0.86
N ARG A 383 -11.84 -6.84 -1.03
CA ARG A 383 -11.39 -6.11 -2.23
C ARG A 383 -11.82 -4.65 -2.25
N THR A 384 -12.91 -4.30 -1.57
CA THR A 384 -13.40 -2.93 -1.59
C THR A 384 -12.72 -2.08 -0.52
N PHE A 385 -12.98 -0.77 -0.59
CA PHE A 385 -12.37 0.21 0.28
C PHE A 385 -13.41 1.10 0.95
N GLN A 386 -12.96 1.81 1.98
CA GLN A 386 -13.79 2.65 2.84
C GLN A 386 -13.05 3.95 3.08
N LYS A 387 -13.81 5.04 3.25
CA LYS A 387 -13.23 6.32 3.61
C LYS A 387 -14.31 7.19 4.22
N TRP A 388 -13.91 8.11 5.09
CA TRP A 388 -14.84 9.16 5.51
C TRP A 388 -14.13 10.50 5.56
N ALA A 389 -14.95 11.56 5.47
CA ALA A 389 -14.55 12.94 5.63
C ALA A 389 -15.48 13.58 6.66
N ALA A 390 -14.91 14.33 7.60
CA ALA A 390 -15.69 14.90 8.69
C ALA A 390 -15.44 16.40 8.80
N VAL A 391 -16.46 17.13 9.23
CA VAL A 391 -16.33 18.56 9.48
C VAL A 391 -17.23 18.93 10.66
N VAL A 392 -16.71 19.77 11.56
CA VAL A 392 -17.49 20.25 12.69
C VAL A 392 -18.25 21.50 12.26
N VAL A 393 -19.53 21.53 12.56
CA VAL A 393 -20.39 22.58 12.02
C VAL A 393 -21.16 23.24 13.17
N PRO A 394 -21.54 24.50 13.05
CA PRO A 394 -22.42 25.11 14.05
C PRO A 394 -23.76 24.39 14.11
N SER A 395 -24.19 24.06 15.34
CA SER A 395 -25.48 23.42 15.52
C SER A 395 -26.59 24.26 14.91
N GLY A 396 -27.53 23.60 14.25
CA GLY A 396 -28.58 24.29 13.53
C GLY A 396 -28.22 24.76 12.14
N GLU A 397 -26.97 24.56 11.71
CA GLU A 397 -26.53 24.95 10.37
C GLU A 397 -26.08 23.76 9.55
N GLU A 398 -26.43 22.54 9.99
CA GLU A 398 -26.03 21.33 9.28
C GLU A 398 -26.52 21.35 7.83
N GLN A 399 -27.70 21.92 7.59
CA GLN A 399 -28.34 21.91 6.28
C GLN A 399 -27.61 22.77 5.26
N ARG A 400 -26.65 23.59 5.67
CA ARG A 400 -25.85 24.36 4.73
C ARG A 400 -24.66 23.60 4.19
N TYR A 401 -24.42 22.38 4.67
CA TYR A 401 -23.27 21.59 4.25
C TYR A 401 -23.69 20.42 3.37
N THR A 402 -22.88 20.15 2.35
CA THR A 402 -23.10 19.05 1.43
C THR A 402 -21.79 18.32 1.20
N CYS A 403 -21.86 17.00 1.20
CA CYS A 403 -20.71 16.17 0.88
C CYS A 403 -20.69 15.86 -0.60
N HIS A 404 -19.52 16.00 -1.22
CA HIS A 404 -19.32 15.79 -2.65
C HIS A 404 -18.44 14.57 -2.85
N VAL A 405 -18.88 13.61 -3.67
CA VAL A 405 -18.23 12.31 -3.82
C VAL A 405 -17.86 12.10 -5.29
N GLN A 406 -16.57 11.91 -5.56
CA GLN A 406 -16.08 11.59 -6.91
C GLN A 406 -15.40 10.23 -6.90
N HIS A 407 -15.84 9.35 -7.80
CA HIS A 407 -15.26 8.01 -7.93
C HIS A 407 -15.49 7.54 -9.36
N GLU A 408 -14.55 6.74 -9.88
CA GLU A 408 -14.64 6.38 -11.29
C GLU A 408 -15.79 5.42 -11.57
N GLY A 409 -16.37 4.81 -10.55
CA GLY A 409 -17.59 4.04 -10.69
C GLY A 409 -18.86 4.84 -10.68
N LEU A 410 -18.76 6.17 -10.53
CA LEU A 410 -19.92 7.04 -10.56
C LEU A 410 -19.94 7.81 -11.88
N PRO A 411 -20.99 7.68 -12.69
CA PRO A 411 -21.04 8.44 -13.94
C PRO A 411 -20.99 9.94 -13.71
N LYS A 412 -21.53 10.39 -12.59
CA LYS A 412 -21.53 11.79 -12.18
C LYS A 412 -21.19 11.85 -10.70
N PRO A 413 -20.57 12.93 -10.25
CA PRO A 413 -20.33 13.07 -8.80
C PRO A 413 -21.65 13.03 -8.02
N LEU A 414 -21.61 12.45 -6.83
CA LEU A 414 -22.76 12.45 -5.95
C LEU A 414 -22.67 13.61 -4.97
N THR A 415 -23.83 14.11 -4.56
CA THR A 415 -23.93 15.10 -3.51
C THR A 415 -24.90 14.58 -2.46
N LEU A 416 -24.55 14.72 -1.19
CA LEU A 416 -25.39 14.30 -0.07
C LEU A 416 -25.41 15.38 0.99
N ARG A 417 -26.48 15.35 1.79
CA ARG A 417 -26.59 16.17 2.98
C ARG A 417 -27.01 15.29 4.14
N TRP A 418 -26.99 15.87 5.34
CA TRP A 418 -27.49 15.15 6.50
C TRP A 418 -29.01 15.25 6.57
#